data_4NXQ
#
_entry.id   4NXQ
#
_cell.length_a   51.078
_cell.length_b   50.817
_cell.length_c   53.036
_cell.angle_alpha   90.00
_cell.angle_beta   92.29
_cell.angle_gamma   90.00
#
_symmetry.space_group_name_H-M   'P 1 21 1'
#
loop_
_entity.id
_entity.type
_entity.pdbx_description
1 polymer 'T-lymphoma invasion and metastasis-inducing protein 1'
2 polymer 'Contactin-associated protein-like 4 peptide'
3 water water
#
loop_
_entity_poly.entity_id
_entity_poly.type
_entity_poly.pdbx_seq_one_letter_code
_entity_poly.pdbx_strand_id
1 'polypeptide(L)'
;GAMGKVTHSIHIEKSDTAADTYGFSLSSVEEDGIRRLYVNSVKETGLASKKGLKAGDEILEINNRAADALNSSMMEDFFS
QPSVGLLVRTYPEL
;
A,B,C
2 'polypeptide(L)' ENQKEYFF D,E,F
#
# COMPACT_ATOMS: atom_id res chain seq x y z
N MET A 3 3.96 -10.67 18.16
CA MET A 3 4.44 -11.26 16.91
C MET A 3 3.27 -11.78 16.07
N GLY A 4 3.60 -12.55 15.03
CA GLY A 4 2.61 -13.12 14.15
C GLY A 4 2.71 -12.41 12.81
N LYS A 5 3.02 -11.12 12.87
CA LYS A 5 3.18 -10.27 11.68
C LYS A 5 4.47 -10.50 10.91
N VAL A 6 4.38 -10.45 9.58
CA VAL A 6 5.59 -10.48 8.77
C VAL A 6 5.70 -9.26 7.87
N THR A 7 6.94 -8.90 7.56
CA THR A 7 7.25 -7.76 6.72
C THR A 7 7.86 -8.21 5.40
N HIS A 8 7.34 -7.72 4.28
CA HIS A 8 7.98 -8.04 3.01
C HIS A 8 7.88 -6.89 1.99
N SER A 9 8.72 -6.97 0.96
CA SER A 9 8.75 -5.96 -0.07
C SER A 9 7.95 -6.39 -1.26
N ILE A 10 7.25 -5.43 -1.85
CA ILE A 10 6.42 -5.68 -3.01
C ILE A 10 6.79 -4.68 -4.09
N HIS A 11 6.95 -5.14 -5.32
CA HIS A 11 7.13 -4.23 -6.43
C HIS A 11 5.95 -4.49 -7.36
N ILE A 12 5.23 -3.45 -7.77
CA ILE A 12 4.11 -3.60 -8.69
C ILE A 12 4.35 -2.75 -9.92
N GLU A 13 3.95 -3.25 -11.08
CA GLU A 13 4.20 -2.57 -12.35
C GLU A 13 2.91 -2.49 -13.17
N LYS A 14 2.65 -1.33 -13.76
CA LYS A 14 1.43 -1.11 -14.53
C LYS A 14 1.42 -1.82 -15.89
N SER A 15 2.60 -2.13 -16.39
CA SER A 15 2.76 -2.76 -17.71
C SER A 15 2.13 -4.16 -17.82
N ASP A 16 1.69 -4.71 -16.69
CA ASP A 16 1.07 -6.02 -16.71
C ASP A 16 -0.42 -5.98 -17.09
N THR A 17 -1.09 -4.88 -16.75
CA THR A 17 -2.53 -4.76 -16.95
C THR A 17 -2.93 -3.73 -18.02
N ALA A 18 -4.16 -3.91 -18.51
CA ALA A 18 -4.80 -2.94 -19.39
C ALA A 18 -5.23 -1.78 -18.52
N ALA A 19 -5.31 -2.02 -17.21
CA ALA A 19 -5.74 -1.00 -16.26
C ALA A 19 -4.58 -0.07 -15.92
N ASP A 20 -4.92 1.18 -15.65
CA ASP A 20 -3.95 2.19 -15.23
C ASP A 20 -3.89 2.40 -13.72
N THR A 21 -4.67 1.63 -12.97
CA THR A 21 -4.68 1.69 -11.51
C THR A 21 -4.35 0.33 -10.90
N TYR A 22 -3.93 0.32 -9.65
CA TYR A 22 -3.57 -0.93 -8.96
C TYR A 22 -4.74 -1.64 -8.28
N GLY A 23 -5.82 -0.92 -8.01
CA GLY A 23 -6.97 -1.57 -7.44
C GLY A 23 -6.84 -1.80 -5.94
N PHE A 24 -6.51 -0.75 -5.19
CA PHE A 24 -6.62 -0.84 -3.74
C PHE A 24 -6.85 0.55 -3.16
N SER A 25 -7.33 0.60 -1.92
CA SER A 25 -7.47 1.87 -1.23
C SER A 25 -6.75 1.82 0.10
N LEU A 26 -6.33 3.00 0.56
CA LEU A 26 -5.62 3.14 1.84
C LEU A 26 -6.35 4.08 2.75
N SER A 27 -6.35 3.79 4.04
CA SER A 27 -6.82 4.79 4.99
C SER A 27 -5.59 5.36 5.70
N SER A 28 -5.61 6.67 5.93
CA SER A 28 -4.54 7.36 6.65
C SER A 28 -4.99 7.87 8.02
N VAL A 29 -4.21 7.63 9.07
CA VAL A 29 -4.58 8.12 10.38
C VAL A 29 -3.35 8.49 11.22
N GLU A 30 -3.46 9.58 11.97
CA GLU A 30 -2.37 10.03 12.82
C GLU A 30 -2.57 9.62 14.26
N GLU A 31 -1.62 8.84 14.75
CA GLU A 31 -1.62 8.36 16.11
C GLU A 31 -0.37 8.88 16.82
N ASP A 32 -0.57 9.58 17.92
CA ASP A 32 0.53 10.15 18.69
C ASP A 32 1.53 10.91 17.80
N GLY A 33 1.01 11.77 16.94
CA GLY A 33 1.82 12.61 16.06
C GLY A 33 2.39 11.94 14.82
N ILE A 34 2.24 10.61 14.73
CA ILE A 34 2.77 9.82 13.62
C ILE A 34 1.68 9.24 12.71
N ARG A 35 1.80 9.49 11.40
CA ARG A 35 0.81 8.99 10.46
C ARG A 35 1.09 7.55 10.06
N ARG A 36 0.06 6.72 10.07
CA ARG A 36 0.14 5.32 9.62
C ARG A 36 -0.80 5.10 8.42
N LEU A 37 -0.44 4.17 7.54
CA LEU A 37 -1.24 3.88 6.35
C LEU A 37 -1.67 2.42 6.41
N TYR A 38 -2.97 2.18 6.27
CA TYR A 38 -3.50 0.82 6.27
C TYR A 38 -4.25 0.54 4.99
N VAL A 39 -4.18 -0.70 4.51
CA VAL A 39 -4.95 -1.11 3.36
C VAL A 39 -6.41 -1.30 3.77
N ASN A 40 -7.27 -0.48 3.18
CA ASN A 40 -8.70 -0.40 3.46
C ASN A 40 -9.47 -1.45 2.64
N SER A 41 -9.12 -1.55 1.37
CA SER A 41 -9.77 -2.49 0.49
C SER A 41 -8.83 -2.88 -0.65
N VAL A 42 -9.00 -4.09 -1.17
CA VAL A 42 -8.25 -4.57 -2.32
C VAL A 42 -9.21 -5.17 -3.35
N LYS A 43 -9.16 -4.68 -4.58
CA LYS A 43 -9.98 -5.24 -5.64
C LYS A 43 -9.52 -6.67 -5.92
N GLU A 44 -10.45 -7.62 -5.82
CA GLU A 44 -10.13 -9.04 -5.96
C GLU A 44 -9.45 -9.38 -7.28
N THR A 45 -9.80 -8.64 -8.33
CA THR A 45 -9.27 -8.89 -9.68
C THR A 45 -8.11 -7.98 -10.08
N GLY A 46 -7.71 -7.10 -9.17
CA GLY A 46 -6.68 -6.11 -9.47
C GLY A 46 -5.24 -6.57 -9.30
N LEU A 47 -4.31 -5.73 -9.75
CA LEU A 47 -2.87 -6.05 -9.70
C LEU A 47 -2.33 -6.16 -8.27
N ALA A 48 -2.77 -5.28 -7.38
CA ALA A 48 -2.34 -5.31 -5.98
C ALA A 48 -2.70 -6.63 -5.30
N SER A 49 -3.89 -7.13 -5.62
CA SER A 49 -4.34 -8.42 -5.10
C SER A 49 -3.43 -9.52 -5.64
N LYS A 50 -3.11 -9.42 -6.93
CA LYS A 50 -2.22 -10.38 -7.59
C LYS A 50 -0.87 -10.46 -6.88
N LYS A 51 -0.39 -9.32 -6.36
CA LYS A 51 0.90 -9.27 -5.67
C LYS A 51 0.80 -9.62 -4.19
N GLY A 52 -0.40 -9.91 -3.70
CA GLY A 52 -0.54 -10.42 -2.35
C GLY A 52 -0.91 -9.42 -1.27
N LEU A 53 -1.34 -8.24 -1.67
CA LEU A 53 -1.81 -7.21 -0.75
C LEU A 53 -3.21 -7.55 -0.20
N LYS A 54 -3.41 -7.37 1.10
CA LYS A 54 -4.69 -7.70 1.71
C LYS A 54 -5.23 -6.58 2.59
N ALA A 55 -6.56 -6.50 2.66
CA ALA A 55 -7.20 -5.60 3.61
C ALA A 55 -6.61 -5.84 5.00
N GLY A 56 -6.29 -4.76 5.70
CA GLY A 56 -5.74 -4.87 7.04
C GLY A 56 -4.22 -4.82 7.07
N ASP A 57 -3.57 -5.01 5.92
CA ASP A 57 -2.11 -4.81 5.83
C ASP A 57 -1.77 -3.38 6.16
N GLU A 58 -0.54 -3.17 6.64
CA GLU A 58 -0.02 -1.84 6.89
C GLU A 58 1.11 -1.52 5.94
N ILE A 59 1.03 -0.35 5.33
CA ILE A 59 2.13 0.12 4.50
C ILE A 59 3.17 0.81 5.36
N LEU A 60 4.35 0.20 5.47
CA LEU A 60 5.43 0.80 6.27
C LEU A 60 6.21 1.81 5.46
N GLU A 61 6.44 1.50 4.18
CA GLU A 61 7.22 2.38 3.29
C GLU A 61 6.70 2.39 1.86
N ILE A 62 6.87 3.51 1.17
CA ILE A 62 6.66 3.56 -0.27
C ILE A 62 7.91 4.15 -0.94
N ASN A 63 8.46 3.42 -1.91
CA ASN A 63 9.70 3.84 -2.56
C ASN A 63 10.77 4.19 -1.53
N ASN A 64 10.89 3.33 -0.51
CA ASN A 64 11.92 3.42 0.50
C ASN A 64 11.73 4.62 1.44
N ARG A 65 10.55 5.24 1.39
CA ARG A 65 10.25 6.33 2.29
C ARG A 65 9.21 5.93 3.34
N ALA A 66 9.47 6.24 4.60
CA ALA A 66 8.57 5.89 5.69
C ALA A 66 7.21 6.57 5.49
N ALA A 67 6.15 5.87 5.86
CA ALA A 67 4.79 6.34 5.68
C ALA A 67 4.55 7.73 6.28
N ASP A 68 5.14 7.99 7.44
CA ASP A 68 4.93 9.28 8.08
C ASP A 68 5.67 10.42 7.33
N ALA A 69 6.64 10.04 6.48
CA ALA A 69 7.41 11.02 5.71
C ALA A 69 6.89 11.20 4.26
N LEU A 70 5.75 10.59 3.94
CA LEU A 70 5.13 10.73 2.61
C LEU A 70 4.11 11.85 2.71
N ASN A 71 3.77 12.46 1.58
CA ASN A 71 2.61 13.34 1.55
C ASN A 71 1.76 13.00 0.33
N SER A 72 0.60 13.64 0.19
CA SER A 72 -0.34 13.23 -0.84
C SER A 72 0.13 13.46 -2.28
N SER A 73 0.78 14.59 -2.54
CA SER A 73 1.24 14.85 -3.91
C SER A 73 2.37 13.88 -4.23
N MET A 74 3.22 13.60 -3.27
CA MET A 74 4.27 12.62 -3.45
C MET A 74 3.68 11.25 -3.79
N MET A 75 2.63 10.86 -3.06
CA MET A 75 2.00 9.58 -3.29
C MET A 75 1.26 9.48 -4.62
N GLU A 76 0.50 10.52 -4.98
CA GLU A 76 -0.20 10.50 -6.27
C GLU A 76 0.80 10.37 -7.41
N ASP A 77 1.94 11.04 -7.27
CA ASP A 77 3.05 10.96 -8.23
C ASP A 77 3.55 9.53 -8.36
N PHE A 78 3.95 8.96 -7.23
CA PHE A 78 4.50 7.60 -7.24
C PHE A 78 3.56 6.56 -7.85
N PHE A 79 2.26 6.66 -7.57
CA PHE A 79 1.29 5.67 -8.07
C PHE A 79 0.77 5.92 -9.48
N SER A 80 1.22 7.02 -10.09
CA SER A 80 0.93 7.30 -11.49
C SER A 80 2.12 6.93 -12.37
N GLN A 81 3.26 6.65 -11.74
CA GLN A 81 4.46 6.20 -12.45
C GLN A 81 4.27 4.76 -12.94
N PRO A 82 5.14 4.28 -13.85
CA PRO A 82 5.01 2.92 -14.39
C PRO A 82 5.15 1.79 -13.35
N SER A 83 5.78 2.08 -12.21
CA SER A 83 5.97 1.07 -11.17
C SER A 83 6.19 1.75 -9.82
N VAL A 84 6.02 0.99 -8.74
CA VAL A 84 6.20 1.51 -7.39
C VAL A 84 6.61 0.35 -6.47
N GLY A 85 7.43 0.63 -5.46
CA GLY A 85 7.85 -0.39 -4.49
C GLY A 85 7.23 -0.12 -3.12
N LEU A 86 6.90 -1.17 -2.38
CA LEU A 86 6.24 -1.03 -1.08
C LEU A 86 6.87 -1.90 -0.01
N LEU A 87 6.93 -1.40 1.21
CA LEU A 87 7.24 -2.26 2.34
C LEU A 87 5.97 -2.44 3.15
N VAL A 88 5.55 -3.69 3.29
CA VAL A 88 4.24 -4.02 3.84
C VAL A 88 4.41 -4.92 5.04
N ARG A 89 3.67 -4.63 6.10
CA ARG A 89 3.61 -5.52 7.25
C ARG A 89 2.26 -6.22 7.27
N THR A 90 2.29 -7.54 7.35
CA THR A 90 1.07 -8.34 7.21
C THR A 90 1.04 -9.59 8.07
N TYR A 91 -0.14 -10.18 8.19
CA TYR A 91 -0.24 -11.53 8.76
C TYR A 91 -0.18 -12.54 7.64
N PRO A 92 0.61 -13.60 7.84
CA PRO A 92 0.66 -14.76 6.93
C PRO A 92 -0.73 -15.38 6.69
N GLU A 93 -0.86 -16.10 5.57
CA GLU A 93 -2.08 -16.77 5.08
C GLU A 93 -2.90 -15.82 4.22
N GLY B 1 -31.69 -22.89 10.40
CA GLY B 1 -30.83 -23.57 9.45
C GLY B 1 -30.19 -22.60 8.48
N ALA B 2 -29.44 -23.11 7.51
CA ALA B 2 -28.70 -22.26 6.59
C ALA B 2 -29.61 -21.73 5.50
N MET B 3 -30.80 -22.34 5.37
CA MET B 3 -31.70 -21.96 4.29
C MET B 3 -32.62 -20.85 4.74
N GLY B 4 -32.57 -20.53 6.04
CA GLY B 4 -33.31 -19.41 6.56
C GLY B 4 -32.41 -18.17 6.63
N LYS B 5 -31.11 -18.43 6.74
CA LYS B 5 -30.07 -17.41 6.87
C LYS B 5 -29.68 -16.67 5.59
N VAL B 6 -29.34 -15.40 5.72
CA VAL B 6 -28.75 -14.66 4.59
C VAL B 6 -27.40 -14.10 5.01
N THR B 7 -26.54 -13.90 4.03
CA THR B 7 -25.19 -13.39 4.24
C THR B 7 -25.02 -11.99 3.67
N HIS B 8 -24.42 -11.08 4.43
CA HIS B 8 -24.15 -9.76 3.91
C HIS B 8 -22.85 -9.17 4.50
N SER B 9 -22.32 -8.16 3.82
CA SER B 9 -21.13 -7.49 4.31
C SER B 9 -21.50 -6.19 4.97
N ILE B 10 -20.74 -5.89 6.01
CA ILE B 10 -20.85 -4.68 6.79
C ILE B 10 -19.49 -4.01 6.80
N HIS B 11 -19.48 -2.71 6.53
CA HIS B 11 -18.26 -1.93 6.65
C HIS B 11 -18.45 -0.86 7.71
N ILE B 12 -17.54 -0.81 8.69
CA ILE B 12 -17.64 0.19 9.75
C ILE B 12 -16.33 0.95 9.91
N GLU B 13 -16.45 2.24 10.23
CA GLU B 13 -15.32 3.16 10.29
C GLU B 13 -15.31 3.90 11.61
N LYS B 14 -14.13 4.06 12.22
CA LYS B 14 -14.05 4.72 13.52
C LYS B 14 -14.44 6.20 13.45
N SER B 15 -14.26 6.81 12.29
CA SER B 15 -14.62 8.22 12.12
C SER B 15 -16.14 8.47 12.18
N ASP B 16 -16.94 7.39 12.10
CA ASP B 16 -18.41 7.45 12.22
C ASP B 16 -18.95 7.32 13.65
N THR B 17 -18.10 6.92 14.58
CA THR B 17 -18.51 6.72 15.97
C THR B 17 -18.11 7.95 16.79
N ALA B 18 -18.82 8.21 17.89
CA ALA B 18 -18.37 9.28 18.77
C ALA B 18 -17.25 8.77 19.64
N ALA B 19 -17.34 7.49 19.95
CA ALA B 19 -16.34 6.83 20.76
C ALA B 19 -15.29 6.32 19.79
N ASP B 20 -14.27 5.65 20.31
CA ASP B 20 -13.36 4.97 19.40
C ASP B 20 -13.72 3.48 19.45
N THR B 21 -14.95 3.17 19.86
CA THR B 21 -15.43 1.77 19.91
C THR B 21 -16.68 1.58 19.05
N TYR B 22 -16.86 0.38 18.51
CA TYR B 22 -17.99 0.10 17.61
C TYR B 22 -19.27 -0.31 18.33
N GLY B 23 -19.12 -0.74 19.57
CA GLY B 23 -20.26 -1.10 20.40
C GLY B 23 -20.83 -2.48 20.14
N PHE B 24 -19.97 -3.51 20.13
CA PHE B 24 -20.46 -4.89 20.13
C PHE B 24 -19.44 -5.83 20.75
N SER B 25 -19.90 -7.02 21.14
CA SER B 25 -19.00 -8.05 21.64
C SER B 25 -19.15 -9.36 20.85
N LEU B 26 -18.06 -10.13 20.77
CA LEU B 26 -18.00 -11.40 20.05
C LEU B 26 -17.57 -12.54 20.98
N SER B 27 -18.16 -13.72 20.80
CA SER B 27 -17.67 -14.95 21.45
C SER B 27 -17.08 -15.89 20.43
N SER B 28 -15.97 -16.54 20.79
CA SER B 28 -15.33 -17.55 19.95
C SER B 28 -15.59 -18.96 20.53
N VAL B 29 -16.00 -19.91 19.70
CA VAL B 29 -16.29 -21.23 20.21
C VAL B 29 -16.06 -22.28 19.14
N GLU B 30 -15.69 -23.50 19.55
CA GLU B 30 -15.58 -24.58 18.57
C GLU B 30 -16.85 -25.42 18.62
N GLU B 31 -17.58 -25.46 17.50
CA GLU B 31 -18.85 -26.19 17.41
C GLU B 31 -18.80 -27.31 16.38
N ASP B 32 -19.02 -28.54 16.85
CA ASP B 32 -18.92 -29.73 16.01
C ASP B 32 -17.68 -29.67 15.13
N GLY B 33 -16.53 -29.43 15.78
CA GLY B 33 -15.23 -29.41 15.13
C GLY B 33 -14.85 -28.14 14.39
N ILE B 34 -15.79 -27.20 14.26
CA ILE B 34 -15.59 -26.00 13.47
C ILE B 34 -15.45 -24.75 14.32
N ARG B 35 -14.44 -23.93 14.04
CA ARG B 35 -14.27 -22.68 14.78
C ARG B 35 -15.27 -21.65 14.30
N ARG B 36 -16.01 -21.08 15.25
CA ARG B 36 -16.98 -20.02 14.94
C ARG B 36 -16.89 -18.77 15.82
N LEU B 37 -17.33 -17.65 15.26
CA LEU B 37 -17.48 -16.37 15.97
C LEU B 37 -18.95 -15.91 15.97
N TYR B 38 -19.51 -15.64 17.15
CA TYR B 38 -20.89 -15.16 17.26
C TYR B 38 -20.96 -13.80 17.94
N VAL B 39 -21.92 -12.99 17.51
CA VAL B 39 -22.16 -11.72 18.15
C VAL B 39 -22.92 -11.96 19.44
N ASN B 40 -22.31 -11.59 20.57
CA ASN B 40 -22.85 -11.81 21.91
C ASN B 40 -23.79 -10.67 22.25
N SER B 41 -23.36 -9.45 21.94
CA SER B 41 -24.13 -8.27 22.28
C SER B 41 -23.86 -7.13 21.34
N VAL B 42 -24.87 -6.27 21.16
CA VAL B 42 -24.71 -5.03 20.40
C VAL B 42 -25.30 -3.86 21.18
N LYS B 43 -24.52 -2.81 21.40
CA LYS B 43 -25.03 -1.60 22.02
C LYS B 43 -26.05 -0.91 21.12
N GLU B 44 -27.24 -0.70 21.64
CA GLU B 44 -28.33 -0.15 20.83
C GLU B 44 -27.98 1.19 20.20
N THR B 45 -27.16 1.98 20.89
CA THR B 45 -26.85 3.32 20.41
C THR B 45 -25.53 3.39 19.63
N GLY B 46 -24.83 2.26 19.53
CA GLY B 46 -23.53 2.23 18.87
C GLY B 46 -23.59 2.06 17.37
N LEU B 47 -22.45 2.23 16.70
CA LEU B 47 -22.36 2.16 15.25
C LEU B 47 -22.66 0.76 14.70
N ALA B 48 -22.22 -0.29 15.40
CA ALA B 48 -22.45 -1.64 14.91
C ALA B 48 -23.94 -1.87 14.73
N SER B 49 -24.72 -1.38 15.68
CA SER B 49 -26.18 -1.50 15.58
C SER B 49 -26.72 -0.69 14.40
N LYS B 50 -26.21 0.54 14.25
CA LYS B 50 -26.66 1.40 13.16
C LYS B 50 -26.40 0.72 11.83
N LYS B 51 -25.33 -0.07 11.77
CA LYS B 51 -24.98 -0.74 10.53
C LYS B 51 -25.67 -2.09 10.37
N GLY B 52 -26.48 -2.48 11.34
CA GLY B 52 -27.29 -3.68 11.18
C GLY B 52 -26.77 -4.96 11.78
N LEU B 53 -25.75 -4.89 12.64
CA LEU B 53 -25.28 -6.07 13.36
C LEU B 53 -26.27 -6.39 14.51
N LYS B 54 -26.60 -7.68 14.68
CA LYS B 54 -27.56 -8.09 15.71
C LYS B 54 -27.03 -9.23 16.58
N ALA B 55 -27.46 -9.25 17.85
CA ALA B 55 -27.14 -10.34 18.76
C ALA B 55 -27.50 -11.68 18.14
N GLY B 56 -26.58 -12.64 18.20
CA GLY B 56 -26.87 -13.93 17.63
C GLY B 56 -26.38 -14.10 16.20
N ASP B 57 -26.01 -13.00 15.52
CA ASP B 57 -25.38 -13.09 14.19
C ASP B 57 -24.08 -13.90 14.24
N GLU B 58 -23.69 -14.52 13.12
CA GLU B 58 -22.40 -15.18 13.05
C GLU B 58 -21.46 -14.41 12.15
N ILE B 59 -20.25 -14.18 12.62
CA ILE B 59 -19.19 -13.57 11.82
C ILE B 59 -18.46 -14.62 11.04
N LEU B 60 -18.62 -14.61 9.73
CA LEU B 60 -17.97 -15.58 8.84
C LEU B 60 -16.54 -15.19 8.46
N GLU B 61 -16.33 -13.89 8.21
CA GLU B 61 -15.02 -13.37 7.82
C GLU B 61 -14.76 -11.99 8.42
N ILE B 62 -13.49 -11.68 8.71
CA ILE B 62 -13.10 -10.31 9.02
C ILE B 62 -11.99 -9.90 8.05
N ASN B 63 -12.16 -8.78 7.35
CA ASN B 63 -11.20 -8.37 6.32
C ASN B 63 -10.86 -9.52 5.38
N ASN B 64 -11.91 -10.26 5.00
CA ASN B 64 -11.86 -11.33 4.01
C ASN B 64 -11.10 -12.56 4.52
N ARG B 65 -10.84 -12.62 5.82
CA ARG B 65 -10.23 -13.82 6.36
C ARG B 65 -11.26 -14.63 7.16
N ALA B 66 -11.33 -15.92 6.89
CA ALA B 66 -12.30 -16.80 7.55
C ALA B 66 -12.09 -16.84 9.06
N ALA B 67 -13.19 -16.99 9.78
CA ALA B 67 -13.18 -17.09 11.23
C ALA B 67 -12.22 -18.18 11.70
N ASP B 68 -12.14 -19.29 10.97
CA ASP B 68 -11.22 -20.36 11.36
C ASP B 68 -9.75 -19.98 11.09
N ALA B 69 -9.53 -18.94 10.28
CA ALA B 69 -8.20 -18.48 9.93
C ALA B 69 -7.71 -17.28 10.76
N LEU B 70 -8.48 -16.87 11.76
CA LEU B 70 -8.14 -15.74 12.63
C LEU B 70 -7.54 -16.11 14.00
N ASN B 71 -6.84 -15.16 14.61
CA ASN B 71 -6.54 -15.30 16.05
C ASN B 71 -6.86 -13.99 16.77
N SER B 72 -6.78 -13.99 18.09
CA SER B 72 -7.19 -12.81 18.86
C SER B 72 -6.26 -11.63 18.59
N SER B 73 -5.00 -11.92 18.27
CA SER B 73 -4.04 -10.86 17.97
C SER B 73 -4.39 -10.16 16.64
N MET B 74 -4.72 -10.95 15.63
CA MET B 74 -5.18 -10.37 14.37
C MET B 74 -6.45 -9.55 14.55
N MET B 75 -7.40 -10.06 15.35
CA MET B 75 -8.67 -9.36 15.55
C MET B 75 -8.49 -8.03 16.28
N GLU B 76 -7.65 -8.02 17.31
CA GLU B 76 -7.38 -6.77 18.03
C GLU B 76 -6.74 -5.76 17.09
N ASP B 77 -5.86 -6.24 16.22
CA ASP B 77 -5.20 -5.39 15.24
C ASP B 77 -6.26 -4.75 14.35
N PHE B 78 -7.07 -5.59 13.69
CA PHE B 78 -8.07 -5.15 12.74
C PHE B 78 -9.09 -4.17 13.34
N PHE B 79 -9.51 -4.40 14.58
CA PHE B 79 -10.52 -3.53 15.17
C PHE B 79 -9.94 -2.27 15.80
N SER B 80 -8.62 -2.13 15.76
CA SER B 80 -8.00 -0.89 16.21
C SER B 80 -7.66 0.03 15.03
N GLN B 81 -7.73 -0.49 13.80
CA GLN B 81 -7.47 0.27 12.58
C GLN B 81 -8.62 1.22 12.28
N PRO B 82 -8.44 2.19 11.35
CA PRO B 82 -9.50 3.18 11.09
C PRO B 82 -10.84 2.60 10.61
N SER B 83 -10.81 1.39 10.04
CA SER B 83 -12.01 0.76 9.52
C SER B 83 -11.80 -0.75 9.39
N VAL B 84 -12.90 -1.49 9.29
CA VAL B 84 -12.85 -2.94 9.16
C VAL B 84 -14.08 -3.46 8.36
N GLY B 85 -13.89 -4.52 7.59
CA GLY B 85 -14.97 -5.13 6.85
C GLY B 85 -15.31 -6.47 7.48
N LEU B 86 -16.60 -6.82 7.50
CA LEU B 86 -17.09 -8.07 8.10
C LEU B 86 -18.06 -8.75 7.15
N LEU B 87 -17.98 -10.08 7.06
CA LEU B 87 -18.99 -10.88 6.40
C LEU B 87 -19.85 -11.54 7.46
N VAL B 88 -21.14 -11.27 7.44
CA VAL B 88 -22.03 -11.63 8.54
C VAL B 88 -23.17 -12.49 8.04
N ARG B 89 -23.49 -13.56 8.76
CA ARG B 89 -24.66 -14.39 8.46
C ARG B 89 -25.74 -14.21 9.53
N THR B 90 -26.96 -13.93 9.10
CA THR B 90 -28.03 -13.57 10.01
C THR B 90 -29.38 -14.11 9.53
N TYR B 91 -30.35 -14.23 10.44
CA TYR B 91 -31.72 -14.47 10.01
C TYR B 91 -32.35 -13.12 9.72
N PRO B 92 -33.05 -13.02 8.59
CA PRO B 92 -33.84 -11.81 8.35
C PRO B 92 -34.83 -11.63 9.48
N GLU B 93 -35.26 -10.40 9.73
CA GLU B 93 -36.16 -10.15 10.83
C GLU B 93 -37.53 -9.76 10.29
N LEU B 94 -38.58 -10.44 10.73
CA LEU B 94 -39.93 -9.99 10.41
C LEU B 94 -40.34 -8.80 11.25
N GLY C 1 11.74 25.75 1.66
CA GLY C 1 10.48 25.03 1.64
C GLY C 1 10.54 23.68 2.33
N ALA C 2 9.44 22.94 2.26
CA ALA C 2 9.35 21.64 2.90
C ALA C 2 9.74 20.44 2.02
N MET C 3 8.78 19.54 1.85
CA MET C 3 8.93 18.29 1.11
C MET C 3 8.36 18.29 -0.32
N GLY C 4 8.32 19.43 -1.01
CA GLY C 4 7.81 19.45 -2.39
C GLY C 4 8.84 19.08 -3.44
N LYS C 5 8.45 18.85 -4.70
CA LYS C 5 9.44 18.43 -5.70
C LYS C 5 10.45 19.52 -5.93
N VAL C 6 11.71 19.11 -6.06
CA VAL C 6 12.76 20.02 -6.48
C VAL C 6 13.57 19.43 -7.64
N THR C 7 14.22 20.30 -8.39
CA THR C 7 15.06 19.90 -9.52
C THR C 7 16.52 20.15 -9.13
N HIS C 8 17.39 19.17 -9.34
CA HIS C 8 18.82 19.37 -9.10
C HIS C 8 19.65 18.54 -10.07
N SER C 9 20.94 18.86 -10.13
CA SER C 9 21.89 18.16 -10.99
C SER C 9 22.67 17.13 -10.20
N ILE C 10 22.98 16.03 -10.88
CA ILE C 10 23.79 14.96 -10.34
C ILE C 10 24.89 14.65 -11.37
N HIS C 11 26.13 14.50 -10.93
CA HIS C 11 27.22 14.04 -11.81
C HIS C 11 27.74 12.74 -11.27
N ILE C 12 27.85 11.71 -12.11
CA ILE C 12 28.39 10.46 -11.60
C ILE C 12 29.54 9.99 -12.47
N GLU C 13 30.54 9.38 -11.82
CA GLU C 13 31.73 8.94 -12.53
C GLU C 13 32.07 7.47 -12.26
N LYS C 14 32.41 6.73 -13.30
CA LYS C 14 32.71 5.32 -13.13
C LYS C 14 33.98 5.05 -12.32
N SER C 15 34.94 5.97 -12.32
CA SER C 15 36.17 5.79 -11.57
C SER C 15 35.90 5.80 -10.06
N ASP C 16 34.71 6.25 -9.67
CA ASP C 16 34.34 6.25 -8.26
C ASP C 16 33.77 4.91 -7.77
N THR C 17 33.28 4.06 -8.69
CA THR C 17 32.78 2.75 -8.27
C THR C 17 33.75 1.65 -8.64
N ALA C 18 33.77 0.59 -7.83
CA ALA C 18 34.47 -0.65 -8.16
C ALA C 18 33.56 -1.59 -8.94
N ALA C 19 32.25 -1.38 -8.80
CA ALA C 19 31.24 -2.33 -9.27
C ALA C 19 30.79 -2.30 -10.74
N ASP C 20 31.50 -1.58 -11.60
CA ASP C 20 31.25 -1.60 -13.06
C ASP C 20 29.90 -1.01 -13.52
N THR C 21 28.95 -0.89 -12.59
CA THR C 21 27.63 -0.32 -12.85
C THR C 21 27.33 0.81 -11.86
N TYR C 22 26.37 1.68 -12.19
CA TYR C 22 26.00 2.76 -11.29
C TYR C 22 24.96 2.28 -10.25
N GLY C 23 24.28 1.18 -10.56
CA GLY C 23 23.36 0.59 -9.61
C GLY C 23 21.98 1.24 -9.50
N PHE C 24 21.36 1.47 -10.65
CA PHE C 24 19.96 1.88 -10.70
C PHE C 24 19.31 1.43 -12.01
N SER C 25 17.98 1.40 -12.02
CA SER C 25 17.22 1.11 -13.22
C SER C 25 16.23 2.22 -13.52
N LEU C 26 15.93 2.38 -14.80
CA LEU C 26 15.00 3.39 -15.25
C LEU C 26 13.85 2.73 -15.98
N SER C 27 12.66 3.26 -15.83
CA SER C 27 11.58 2.84 -16.70
C SER C 27 11.25 4.00 -17.66
N SER C 28 11.01 3.65 -18.92
CA SER C 28 10.64 4.60 -19.95
C SER C 28 9.19 4.42 -20.33
N VAL C 29 8.46 5.52 -20.44
CA VAL C 29 7.06 5.45 -20.83
C VAL C 29 6.68 6.69 -21.65
N GLU C 30 5.85 6.47 -22.66
CA GLU C 30 5.36 7.54 -23.51
C GLU C 30 3.95 7.97 -23.15
N GLU C 31 3.80 9.24 -22.83
CA GLU C 31 2.52 9.83 -22.51
C GLU C 31 2.19 10.91 -23.55
N ASP C 32 1.10 10.71 -24.28
CA ASP C 32 0.70 11.61 -25.36
C ASP C 32 1.87 12.01 -26.25
N GLY C 33 2.56 11.00 -26.78
CA GLY C 33 3.65 11.20 -27.71
C GLY C 33 4.96 11.60 -27.05
N ILE C 34 4.95 11.90 -25.75
CA ILE C 34 6.17 12.36 -25.10
C ILE C 34 6.74 11.30 -24.16
N ARG C 35 8.02 11.01 -24.32
CA ARG C 35 8.72 10.02 -23.50
C ARG C 35 9.17 10.62 -22.16
N ARG C 36 8.89 9.88 -21.07
CA ARG C 36 9.36 10.27 -19.75
C ARG C 36 10.18 9.11 -19.16
N LEU C 37 11.20 9.46 -18.38
CA LEU C 37 12.06 8.50 -17.70
C LEU C 37 11.92 8.65 -16.21
N TYR C 38 11.63 7.55 -15.53
CA TYR C 38 11.53 7.52 -14.08
C TYR C 38 12.53 6.52 -13.51
N VAL C 39 13.08 6.82 -12.33
CA VAL C 39 13.96 5.90 -11.65
C VAL C 39 13.10 4.80 -11.01
N ASN C 40 13.35 3.58 -11.44
CA ASN C 40 12.58 2.40 -11.03
C ASN C 40 13.10 1.83 -9.72
N SER C 41 14.41 1.71 -9.61
CA SER C 41 15.04 1.17 -8.42
C SER C 41 16.46 1.70 -8.28
N VAL C 42 16.96 1.75 -7.05
CA VAL C 42 18.36 2.12 -6.81
C VAL C 42 18.97 1.12 -5.83
N LYS C 43 20.13 0.56 -6.16
CA LYS C 43 20.83 -0.30 -5.20
C LYS C 43 21.27 0.55 -4.00
N GLU C 44 20.87 0.13 -2.79
CA GLU C 44 21.17 0.86 -1.55
C GLU C 44 22.64 1.27 -1.39
N THR C 45 23.56 0.41 -1.82
CA THR C 45 24.99 0.71 -1.67
C THR C 45 25.70 1.17 -2.95
N GLY C 46 24.98 1.29 -4.06
CA GLY C 46 25.65 1.60 -5.32
C GLY C 46 26.01 3.07 -5.46
N LEU C 47 26.78 3.41 -6.49
CA LEU C 47 27.23 4.79 -6.64
C LEU C 47 26.06 5.76 -6.90
N ALA C 48 25.06 5.34 -7.67
CA ALA C 48 23.91 6.20 -7.95
C ALA C 48 23.23 6.64 -6.65
N SER C 49 23.10 5.70 -5.71
CA SER C 49 22.52 6.00 -4.41
C SER C 49 23.38 7.00 -3.60
N LYS C 50 24.68 6.77 -3.58
CA LYS C 50 25.58 7.68 -2.87
C LYS C 50 25.42 9.11 -3.38
N LYS C 51 25.15 9.25 -4.66
CA LYS C 51 25.06 10.60 -5.24
C LYS C 51 23.67 11.21 -5.13
N GLY C 52 22.73 10.50 -4.50
CA GLY C 52 21.43 11.08 -4.22
C GLY C 52 20.28 10.75 -5.17
N LEU C 53 20.46 9.76 -6.04
CA LEU C 53 19.38 9.28 -6.90
C LEU C 53 18.41 8.42 -6.04
N LYS C 54 17.10 8.60 -6.21
CA LYS C 54 16.09 7.89 -5.41
C LYS C 54 15.02 7.25 -6.28
N ALA C 55 14.48 6.11 -5.82
CA ALA C 55 13.32 5.51 -6.49
C ALA C 55 12.18 6.53 -6.61
N GLY C 56 11.60 6.66 -7.80
CA GLY C 56 10.52 7.62 -8.00
C GLY C 56 10.93 8.98 -8.58
N ASP C 57 12.23 9.27 -8.58
CA ASP C 57 12.79 10.46 -9.23
C ASP C 57 12.44 10.46 -10.73
N GLU C 58 12.38 11.64 -11.33
CA GLU C 58 12.20 11.73 -12.78
C GLU C 58 13.49 12.25 -13.40
N ILE C 59 13.97 11.59 -14.45
CA ILE C 59 15.12 12.10 -15.19
C ILE C 59 14.64 13.09 -16.24
N LEU C 60 14.98 14.36 -16.06
CA LEU C 60 14.59 15.39 -17.02
C LEU C 60 15.57 15.50 -18.18
N GLU C 61 16.86 15.40 -17.86
CA GLU C 61 17.92 15.54 -18.86
C GLU C 61 19.08 14.60 -18.59
N ILE C 62 19.72 14.16 -19.66
CA ILE C 62 21.00 13.46 -19.55
C ILE C 62 21.99 14.19 -20.45
N ASN C 63 23.10 14.61 -19.85
CA ASN C 63 24.11 15.41 -20.52
C ASN C 63 23.48 16.61 -21.21
N ASN C 64 22.56 17.26 -20.50
CA ASN C 64 21.92 18.48 -20.97
C ASN C 64 20.96 18.30 -22.14
N ARG C 65 20.63 17.05 -22.43
CA ARG C 65 19.65 16.71 -23.47
C ARG C 65 18.34 16.22 -22.86
N ALA C 66 17.21 16.76 -23.33
CA ALA C 66 15.90 16.38 -22.79
C ALA C 66 15.64 14.91 -22.97
N ALA C 67 14.99 14.31 -21.97
CA ALA C 67 14.66 12.89 -21.96
C ALA C 67 13.83 12.44 -23.18
N ASP C 68 12.95 13.29 -23.68
CA ASP C 68 12.11 12.90 -24.82
C ASP C 68 12.90 12.75 -26.11
N ALA C 69 14.07 13.39 -26.17
CA ALA C 69 14.87 13.36 -27.38
C ALA C 69 15.92 12.25 -27.31
N LEU C 70 15.88 11.44 -26.26
CA LEU C 70 16.85 10.36 -26.13
C LEU C 70 16.26 9.05 -26.65
N ASN C 71 17.14 8.13 -27.05
CA ASN C 71 16.73 6.75 -27.29
C ASN C 71 17.69 5.79 -26.60
N SER C 72 17.41 4.50 -26.71
CA SER C 72 18.15 3.49 -25.96
C SER C 72 19.62 3.44 -26.35
N SER C 73 19.92 3.73 -27.61
CA SER C 73 21.30 3.71 -28.07
C SER C 73 22.14 4.84 -27.48
N MET C 74 21.55 6.04 -27.45
CA MET C 74 22.18 7.18 -26.84
C MET C 74 22.41 6.99 -25.33
N MET C 75 21.41 6.45 -24.64
CA MET C 75 21.52 6.24 -23.21
C MET C 75 22.61 5.24 -22.88
N GLU C 76 22.67 4.14 -23.63
CA GLU C 76 23.71 3.14 -23.40
C GLU C 76 25.09 3.76 -23.59
N ASP C 77 25.21 4.60 -24.62
CA ASP C 77 26.46 5.31 -24.90
C ASP C 77 26.80 6.18 -23.70
N PHE C 78 25.87 7.06 -23.32
CA PHE C 78 26.13 7.96 -22.21
C PHE C 78 26.48 7.24 -20.89
N PHE C 79 25.81 6.12 -20.61
CA PHE C 79 26.08 5.45 -19.34
C PHE C 79 27.28 4.49 -19.40
N SER C 80 27.86 4.32 -20.58
CA SER C 80 29.08 3.52 -20.70
C SER C 80 30.37 4.39 -20.79
N GLN C 81 30.18 5.71 -20.92
CA GLN C 81 31.29 6.68 -20.93
C GLN C 81 31.87 6.86 -19.54
N PRO C 82 33.04 7.52 -19.42
CA PRO C 82 33.68 7.68 -18.11
C PRO C 82 32.87 8.44 -17.07
N SER C 83 31.93 9.27 -17.52
CA SER C 83 31.18 10.15 -16.62
C SER C 83 29.87 10.56 -17.28
N VAL C 84 28.86 10.89 -16.49
CA VAL C 84 27.61 11.38 -17.06
C VAL C 84 26.92 12.37 -16.12
N GLY C 85 26.24 13.35 -16.70
CA GLY C 85 25.50 14.32 -15.90
C GLY C 85 24.00 14.12 -16.07
N LEU C 86 23.24 14.35 -15.01
CA LEU C 86 21.78 14.21 -15.05
C LEU C 86 21.10 15.40 -14.40
N LEU C 87 19.98 15.83 -14.98
CA LEU C 87 19.09 16.77 -14.33
C LEU C 87 17.90 15.97 -13.85
N VAL C 88 17.64 16.04 -12.55
CA VAL C 88 16.70 15.14 -11.88
C VAL C 88 15.64 15.89 -11.08
N ARG C 89 14.39 15.46 -11.18
CA ARG C 89 13.37 16.04 -10.32
C ARG C 89 13.06 15.02 -9.22
N THR C 90 13.12 15.48 -7.97
CA THR C 90 13.10 14.58 -6.82
C THR C 90 12.35 15.23 -5.64
N TYR C 91 11.99 14.42 -4.65
CA TYR C 91 11.51 14.93 -3.35
C TYR C 91 12.62 14.81 -2.32
N PRO C 92 12.80 15.82 -1.47
CA PRO C 92 13.71 15.71 -0.30
C PRO C 92 13.32 14.52 0.63
N GLU C 93 14.24 14.03 1.45
CA GLU C 93 13.98 12.89 2.32
C GLU C 93 13.87 13.22 3.80
N LEU C 94 12.87 12.58 4.42
CA LEU C 94 12.68 12.49 5.88
C LEU C 94 12.04 13.73 6.53
N ASN D 2 -6.80 13.54 11.69
CA ASN D 2 -6.49 13.86 10.30
C ASN D 2 -6.62 12.62 9.42
N GLN D 3 -7.79 12.00 9.46
CA GLN D 3 -8.12 10.78 8.74
C GLN D 3 -8.46 11.00 7.25
N LYS D 4 -7.51 10.71 6.37
CA LYS D 4 -7.68 10.84 4.92
C LYS D 4 -7.83 9.46 4.27
N GLU D 5 -8.32 9.38 3.04
CA GLU D 5 -8.28 8.08 2.35
C GLU D 5 -7.82 8.28 0.89
N TYR D 6 -7.09 7.29 0.36
CA TYR D 6 -6.51 7.36 -0.98
C TYR D 6 -6.95 6.18 -1.85
N PHE D 7 -7.12 6.42 -3.13
CA PHE D 7 -7.44 5.32 -4.07
C PHE D 7 -6.34 5.22 -5.13
N PHE D 8 -5.75 4.04 -5.31
CA PHE D 8 -4.60 3.91 -6.23
C PHE D 8 -4.78 2.75 -7.21
N GLN E 3 -13.56 -20.26 25.90
CA GLN E 3 -14.73 -19.43 25.61
C GLN E 3 -14.57 -18.01 26.16
N LYS E 4 -13.78 -17.18 25.49
CA LYS E 4 -13.58 -15.81 25.92
C LYS E 4 -14.47 -14.90 25.09
N GLU E 5 -14.64 -13.67 25.54
CA GLU E 5 -15.50 -12.70 24.87
C GLU E 5 -14.68 -11.44 24.58
N TYR E 6 -14.90 -10.85 23.41
CA TYR E 6 -14.09 -9.72 22.97
C TYR E 6 -15.02 -8.54 22.80
N PHE E 7 -14.55 -7.36 23.18
CA PHE E 7 -15.32 -6.14 23.05
C PHE E 7 -14.63 -5.21 22.07
N PHE E 8 -15.39 -4.75 21.09
CA PHE E 8 -14.82 -3.95 20.02
C PHE E 8 -15.61 -2.66 19.78
N GLN F 3 7.66 1.49 -23.44
CA GLN F 3 7.37 0.96 -22.11
C GLN F 3 8.44 -0.05 -21.66
N LYS F 4 9.71 0.28 -21.87
CA LYS F 4 10.79 -0.62 -21.47
C LYS F 4 11.52 -0.18 -20.19
N GLU F 5 12.35 -1.07 -19.65
CA GLU F 5 13.14 -0.76 -18.47
C GLU F 5 14.62 -1.00 -18.74
N TYR F 6 15.45 -0.10 -18.22
CA TYR F 6 16.88 -0.11 -18.48
C TYR F 6 17.63 -0.23 -17.17
N PHE F 7 18.74 -0.96 -17.17
CA PHE F 7 19.57 -1.11 -15.97
C PHE F 7 20.92 -0.49 -16.26
N PHE F 8 21.38 0.39 -15.37
CA PHE F 8 22.64 1.07 -15.61
C PHE F 8 23.55 1.00 -14.38
#